data_9JX7
#
_entry.id   9JX7
#
_cell.length_a   92.970
_cell.length_b   92.970
_cell.length_c   129.900
_cell.angle_alpha   90.00
_cell.angle_beta   90.00
_cell.angle_gamma   120.00
#
_symmetry.space_group_name_H-M   'P 31 2 1'
#
loop_
_entity.id
_entity.type
_entity.pdbx_description
1 polymer 'Cysteine desulfurase SufS'
2 non-polymer DI(HYDROXYETHYL)ETHER
3 non-polymer '2-[(~{E})-[2-methyl-3-oxidanyl-5-(phosphonooxymethyl)pyridin-4-yl]methylideneamino]propanedioic acid'
4 water water
#
_entity_poly.entity_id   1
_entity_poly.type   'polypeptide(L)'
_entity_poly.pdbx_seq_one_letter_code
;MGHMNITDIREQFPILHQQVNGHDLVYLDSAATSQKPRAVIETLDKYYNQYNSNVHRGVHTLGTRATDGYEGAREKVRKF
INAKSMAEIIFTKGTTTSLNMVALSYARANLKPGDEVVITYMEHHANIIPWQQAVKATGATLKYIPLQEDGTISLEDVRE
TVTSNTKIVAVSHVSNVLGTVNPIKEMAKIAHDNGAVIVVDGAQSTPHMKIDVQDLDCDFFALSSHKMCGPTGVGVLYGK
KALLENMEPAEFGGEMIDFVGLYESTWKELPWKFEAGTPIIAGAIGLGAAIDFLEEIGLDEISRHEHKLAAYALERFRQL
DGVTVYGPEERAGLVTFNLDDVHPHDVATVLDAEGIAVRAGHHCAQPLMKWLDVTATARASFYLYNTEEEIDKLVEALQK
TKEYFTNVFVDLEHHHHHH
;
_entity_poly.pdbx_strand_id   A
#
loop_
_chem_comp.id
_chem_comp.type
_chem_comp.name
_chem_comp.formula
A1L4Z non-polymer '2-[(~{E})-[2-methyl-3-oxidanyl-5-(phosphonooxymethyl)pyridin-4-yl]methylideneamino]propanedioic acid' 'C11 H13 N2 O9 P'
PEG non-polymer DI(HYDROXYETHYL)ETHER 'C4 H10 O3'
#
# COMPACT_ATOMS: atom_id res chain seq x y z
N HIS A 3 -11.35 -24.22 1.36
CA HIS A 3 -10.52 -23.70 0.23
C HIS A 3 -11.34 -22.66 -0.53
N MET A 4 -10.62 -21.66 -1.01
CA MET A 4 -11.18 -20.46 -1.62
C MET A 4 -11.81 -20.73 -2.98
N ASN A 5 -13.12 -20.47 -3.10
CA ASN A 5 -13.82 -20.65 -4.35
C ASN A 5 -13.85 -19.35 -5.16
N ILE A 6 -13.16 -19.28 -6.32
CA ILE A 6 -13.00 -18.03 -7.01
C ILE A 6 -14.32 -17.59 -7.65
N THR A 7 -15.14 -18.53 -8.16
CA THR A 7 -16.45 -18.19 -8.62
C THR A 7 -17.26 -17.46 -7.53
N ASP A 8 -17.35 -18.01 -6.32
CA ASP A 8 -18.15 -17.43 -5.26
C ASP A 8 -17.59 -16.06 -4.80
N ILE A 9 -16.28 -15.90 -4.87
CA ILE A 9 -15.65 -14.62 -4.55
C ILE A 9 -16.00 -13.60 -5.64
N ARG A 10 -15.85 -13.95 -6.91
CA ARG A 10 -16.09 -12.99 -7.98
C ARG A 10 -17.55 -12.53 -7.99
N GLU A 11 -18.46 -13.43 -7.59
CA GLU A 11 -19.87 -13.12 -7.55
C GLU A 11 -20.18 -11.91 -6.64
N GLN A 12 -19.32 -11.65 -5.65
CA GLN A 12 -19.55 -10.58 -4.70
C GLN A 12 -19.08 -9.21 -5.17
N PHE A 13 -18.41 -9.13 -6.34
CA PHE A 13 -17.88 -7.89 -6.85
C PHE A 13 -18.67 -7.49 -8.10
N PRO A 14 -19.72 -6.64 -7.98
CA PRO A 14 -20.57 -6.30 -9.12
C PRO A 14 -19.79 -5.72 -10.27
N ILE A 15 -18.68 -4.99 -9.99
CA ILE A 15 -17.99 -4.28 -11.07
C ILE A 15 -17.36 -5.22 -12.11
N LEU A 16 -17.10 -6.47 -11.72
CA LEU A 16 -16.39 -7.43 -12.56
C LEU A 16 -17.29 -7.91 -13.69
N HIS A 17 -18.60 -7.66 -13.57
CA HIS A 17 -19.56 -8.32 -14.47
C HIS A 17 -20.05 -7.32 -15.50
N GLN A 18 -19.19 -6.91 -16.42
CA GLN A 18 -19.53 -5.94 -17.44
C GLN A 18 -18.54 -6.12 -18.59
N GLN A 19 -18.87 -5.50 -19.71
CA GLN A 19 -18.00 -5.51 -20.88
C GLN A 19 -17.41 -4.12 -21.14
N VAL A 20 -16.21 -4.16 -21.69
CA VAL A 20 -15.52 -3.01 -22.24
C VAL A 20 -15.20 -3.29 -23.70
N ASN A 21 -15.60 -2.37 -24.59
CA ASN A 21 -15.41 -2.52 -26.03
C ASN A 21 -15.89 -3.89 -26.54
N GLY A 22 -17.02 -4.36 -26.05
CA GLY A 22 -17.59 -5.62 -26.47
C GLY A 22 -16.88 -6.87 -25.95
N HIS A 23 -15.96 -6.76 -24.97
CA HIS A 23 -15.34 -7.94 -24.42
C HIS A 23 -15.57 -7.97 -22.91
N ASP A 24 -15.65 -9.16 -22.32
CA ASP A 24 -15.72 -9.27 -20.86
C ASP A 24 -14.54 -8.52 -20.27
N LEU A 25 -14.82 -7.71 -19.25
CA LEU A 25 -13.79 -7.00 -18.49
C LEU A 25 -12.80 -8.00 -17.93
N VAL A 26 -11.51 -7.65 -18.06
CA VAL A 26 -10.44 -8.40 -17.42
C VAL A 26 -9.61 -7.38 -16.64
N TYR A 27 -9.91 -7.23 -15.35
CA TYR A 27 -9.32 -6.14 -14.59
C TYR A 27 -8.02 -6.64 -13.95
N LEU A 28 -6.88 -6.17 -14.42
CA LEU A 28 -5.57 -6.59 -13.95
C LEU A 28 -4.78 -5.36 -13.49
N ASP A 29 -5.41 -4.51 -12.67
CA ASP A 29 -4.78 -3.29 -12.22
C ASP A 29 -5.05 -3.07 -10.73
N SER A 30 -5.14 -4.15 -9.95
CA SER A 30 -5.38 -4.07 -8.51
C SER A 30 -4.24 -3.43 -7.72
N ALA A 31 -3.02 -3.37 -8.27
CA ALA A 31 -1.95 -2.60 -7.62
C ALA A 31 -2.19 -1.10 -7.72
N ALA A 32 -2.96 -0.62 -8.74
CA ALA A 32 -3.35 0.77 -8.81
C ALA A 32 -4.51 0.99 -7.80
N THR A 33 -5.60 0.21 -7.93
CA THR A 33 -6.63 0.14 -6.91
C THR A 33 -7.40 -1.16 -7.02
N SER A 34 -7.99 -1.56 -5.90
CA SER A 34 -8.74 -2.79 -5.83
C SER A 34 -10.24 -2.50 -6.00
N GLN A 35 -10.98 -3.53 -6.46
CA GLN A 35 -12.43 -3.49 -6.47
C GLN A 35 -13.00 -3.88 -5.10
N LYS A 36 -14.31 -3.57 -4.92
CA LYS A 36 -14.99 -3.79 -3.66
C LYS A 36 -16.09 -4.83 -3.77
N PRO A 37 -16.25 -5.65 -2.71
CA PRO A 37 -17.37 -6.59 -2.62
C PRO A 37 -18.61 -5.87 -2.11
N ARG A 38 -19.76 -6.51 -2.31
CA ARG A 38 -21.00 -5.97 -1.81
C ARG A 38 -20.94 -5.76 -0.29
N ALA A 39 -20.27 -6.63 0.47
CA ALA A 39 -20.18 -6.43 1.91
C ALA A 39 -19.68 -5.03 2.29
N VAL A 40 -18.68 -4.51 1.59
CA VAL A 40 -18.17 -3.18 1.86
C VAL A 40 -19.11 -2.08 1.34
N ILE A 41 -19.60 -2.17 0.08
CA ILE A 41 -20.47 -1.16 -0.45
C ILE A 41 -21.71 -1.04 0.44
N GLU A 42 -22.28 -2.18 0.86
CA GLU A 42 -23.50 -2.18 1.67
C GLU A 42 -23.22 -1.64 3.07
N THR A 43 -21.98 -1.74 3.54
CA THR A 43 -21.62 -1.13 4.83
C THR A 43 -21.75 0.39 4.71
N LEU A 44 -21.20 0.99 3.64
CA LEU A 44 -21.34 2.41 3.42
C LEU A 44 -22.82 2.78 3.33
N ASP A 45 -23.61 1.99 2.59
CA ASP A 45 -25.01 2.25 2.43
C ASP A 45 -25.71 2.30 3.79
N LYS A 46 -25.47 1.27 4.61
CA LYS A 46 -26.13 1.15 5.88
C LYS A 46 -25.74 2.30 6.79
N TYR A 47 -24.48 2.73 6.72
CA TYR A 47 -24.06 3.89 7.51
C TYR A 47 -24.89 5.13 7.13
N TYR A 48 -24.88 5.51 5.83
CA TYR A 48 -25.58 6.71 5.42
C TYR A 48 -27.11 6.59 5.50
N ASN A 49 -27.66 5.37 5.35
CA ASN A 49 -29.11 5.16 5.41
C ASN A 49 -29.60 5.12 6.86
N GLN A 50 -28.73 4.73 7.82
CA GLN A 50 -29.20 4.43 9.16
C GLN A 50 -28.56 5.14 10.33
N TYR A 51 -27.23 5.37 10.35
CA TYR A 51 -26.69 5.91 11.62
C TYR A 51 -25.59 6.97 11.48
N ASN A 52 -25.49 7.61 10.31
CA ASN A 52 -24.59 8.76 10.15
C ASN A 52 -24.89 9.81 11.19
N SER A 53 -23.82 10.29 11.82
CA SER A 53 -23.84 11.37 12.80
C SER A 53 -22.39 11.69 13.09
N ASN A 54 -22.08 12.86 13.68
CA ASN A 54 -20.68 13.07 14.05
C ASN A 54 -20.34 12.23 15.29
N VAL A 55 -19.03 12.06 15.60
CA VAL A 55 -18.56 11.11 16.60
C VAL A 55 -18.30 11.79 17.95
N HIS A 56 -18.35 11.01 19.06
CA HIS A 56 -18.61 11.43 20.46
C HIS A 56 -19.85 10.74 21.07
N ARG A 57 -19.58 9.80 21.99
CA ARG A 57 -20.61 9.02 22.66
C ARG A 57 -21.37 9.90 23.66
N GLY A 58 -22.54 9.39 24.05
CA GLY A 58 -23.34 9.92 25.15
C GLY A 58 -24.00 11.26 24.83
N VAL A 59 -24.14 11.62 23.56
CA VAL A 59 -24.94 12.79 23.27
C VAL A 59 -26.33 12.41 22.77
N HIS A 60 -26.36 11.70 21.60
CA HIS A 60 -27.64 11.20 21.09
C HIS A 60 -27.43 9.82 20.46
N THR A 61 -28.53 9.13 20.15
CA THR A 61 -28.47 7.73 19.83
C THR A 61 -27.67 7.48 18.52
N LEU A 62 -27.97 8.22 17.45
CA LEU A 62 -27.19 7.98 16.21
C LEU A 62 -25.72 8.37 16.38
N GLY A 63 -25.45 9.45 17.16
CA GLY A 63 -24.09 9.83 17.49
C GLY A 63 -23.31 8.71 18.17
N THR A 64 -23.96 8.03 19.13
CA THR A 64 -23.27 6.94 19.80
C THR A 64 -23.03 5.77 18.83
N ARG A 65 -24.01 5.46 17.96
CA ARG A 65 -23.86 4.37 17.00
C ARG A 65 -22.72 4.67 16.02
N ALA A 66 -22.63 5.92 15.56
CA ALA A 66 -21.54 6.30 14.65
C ALA A 66 -20.20 6.19 15.36
N THR A 67 -20.10 6.67 16.61
CA THR A 67 -18.87 6.59 17.36
C THR A 67 -18.44 5.14 17.54
N ASP A 68 -19.39 4.27 18.00
CA ASP A 68 -19.08 2.86 18.19
C ASP A 68 -18.63 2.23 16.88
N GLY A 69 -19.21 2.62 15.74
CA GLY A 69 -18.77 2.08 14.44
C GLY A 69 -17.33 2.48 14.13
N TYR A 70 -17.01 3.77 14.34
CA TYR A 70 -15.71 4.32 14.02
C TYR A 70 -14.63 3.68 14.91
N GLU A 71 -14.84 3.76 16.25
CA GLU A 71 -13.90 3.17 17.16
C GLU A 71 -13.84 1.64 17.04
N GLY A 72 -14.97 1.00 16.75
CA GLY A 72 -15.00 -0.40 16.42
C GLY A 72 -14.08 -0.76 15.25
N ALA A 73 -14.06 0.08 14.21
CA ALA A 73 -13.22 -0.15 13.06
C ALA A 73 -11.74 0.00 13.44
N ARG A 74 -11.42 0.91 14.35
CA ARG A 74 -10.06 1.07 14.83
C ARG A 74 -9.59 -0.23 15.48
N GLU A 75 -10.44 -0.88 16.26
CA GLU A 75 -10.09 -2.14 16.93
C GLU A 75 -9.91 -3.26 15.90
N LYS A 76 -10.77 -3.23 14.88
CA LYS A 76 -10.60 -4.20 13.80
C LYS A 76 -9.21 -4.09 13.16
N VAL A 77 -8.78 -2.87 12.92
CA VAL A 77 -7.48 -2.64 12.34
C VAL A 77 -6.37 -3.09 13.28
N ARG A 78 -6.50 -2.73 14.56
CA ARG A 78 -5.51 -3.17 15.55
C ARG A 78 -5.34 -4.68 15.47
N LYS A 79 -6.44 -5.42 15.55
CA LYS A 79 -6.35 -6.88 15.52
C LYS A 79 -5.73 -7.36 14.22
N PHE A 80 -6.10 -6.70 13.11
CA PHE A 80 -5.72 -7.14 11.78
C PHE A 80 -4.19 -7.09 11.56
N ILE A 81 -3.51 -6.04 12.06
CA ILE A 81 -2.06 -5.95 11.91
C ILE A 81 -1.35 -6.37 13.21
N ASN A 82 -2.09 -6.82 14.23
CA ASN A 82 -1.53 -7.28 15.50
C ASN A 82 -0.75 -6.17 16.20
N ALA A 83 -1.29 -4.96 16.21
CA ALA A 83 -0.76 -3.90 17.06
C ALA A 83 -1.11 -4.27 18.49
N LYS A 84 -0.35 -3.73 19.45
CA LYS A 84 -0.68 -3.90 20.86
C LYS A 84 -1.90 -3.13 21.31
N SER A 85 -2.05 -1.91 20.76
CA SER A 85 -2.98 -0.92 21.24
C SER A 85 -3.62 -0.10 20.13
N MET A 86 -4.89 0.23 20.35
CA MET A 86 -5.62 1.19 19.51
C MET A 86 -4.96 2.56 19.55
N ALA A 87 -4.19 2.88 20.61
CA ALA A 87 -3.43 4.13 20.63
C ALA A 87 -2.42 4.20 19.51
N GLU A 88 -2.06 3.06 18.93
CA GLU A 88 -1.04 2.99 17.89
C GLU A 88 -1.66 2.99 16.50
N ILE A 89 -2.98 3.07 16.41
CA ILE A 89 -3.69 2.98 15.12
C ILE A 89 -4.31 4.34 14.83
N ILE A 90 -3.73 5.05 13.85
CA ILE A 90 -4.22 6.36 13.45
C ILE A 90 -4.87 6.26 12.05
N PHE A 91 -6.10 6.74 11.94
CA PHE A 91 -6.77 6.83 10.65
C PHE A 91 -6.27 8.07 9.93
N THR A 92 -5.84 7.88 8.65
CA THR A 92 -5.38 8.96 7.80
C THR A 92 -6.12 8.89 6.47
N LYS A 93 -5.76 9.75 5.51
CA LYS A 93 -6.37 9.69 4.19
C LYS A 93 -5.73 8.62 3.30
N GLY A 94 -4.60 8.03 3.72
CA GLY A 94 -3.98 7.03 2.89
C GLY A 94 -2.50 6.85 3.22
N THR A 95 -1.86 5.92 2.54
CA THR A 95 -0.45 5.59 2.82
C THR A 95 0.39 6.87 2.67
N THR A 96 0.13 7.63 1.58
CA THR A 96 0.96 8.81 1.33
C THR A 96 0.89 9.76 2.52
N THR A 97 -0.33 10.06 2.99
CA THR A 97 -0.42 10.97 4.14
C THR A 97 0.27 10.38 5.36
N SER A 98 0.10 9.08 5.60
CA SER A 98 0.72 8.42 6.73
C SER A 98 2.25 8.62 6.75
N LEU A 99 2.89 8.39 5.60
CA LEU A 99 4.35 8.58 5.50
C LEU A 99 4.74 10.04 5.68
N ASN A 100 3.97 10.96 5.09
CA ASN A 100 4.20 12.39 5.33
C ASN A 100 4.11 12.77 6.80
N MET A 101 3.15 12.19 7.53
CA MET A 101 3.07 12.47 8.96
C MET A 101 4.34 12.05 9.69
N VAL A 102 4.89 10.88 9.36
CA VAL A 102 6.14 10.45 9.99
C VAL A 102 7.27 11.43 9.60
N ALA A 103 7.33 11.82 8.32
CA ALA A 103 8.38 12.72 7.86
C ALA A 103 8.30 14.09 8.53
N LEU A 104 7.09 14.62 8.69
CA LEU A 104 6.86 15.87 9.38
C LEU A 104 7.08 15.81 10.88
N SER A 105 6.43 14.87 11.58
CA SER A 105 6.36 14.91 13.04
C SER A 105 7.49 14.13 13.67
N TYR A 106 8.06 13.18 12.96
CA TYR A 106 9.14 12.37 13.50
C TYR A 106 10.47 12.84 12.92
N ALA A 107 10.64 12.75 11.60
CA ALA A 107 11.94 13.02 10.98
C ALA A 107 12.35 14.47 11.19
N ARG A 108 11.49 15.43 10.90
CA ARG A 108 11.91 16.83 11.04
C ARG A 108 12.28 17.19 12.48
N ALA A 109 11.93 16.36 13.47
CA ALA A 109 12.25 16.67 14.86
C ALA A 109 13.47 15.88 15.37
N ASN A 110 13.97 14.95 14.58
CA ASN A 110 15.02 14.03 15.04
C ASN A 110 16.16 13.92 14.03
N LEU A 111 16.27 14.91 13.13
CA LEU A 111 17.37 14.92 12.16
C LEU A 111 18.18 16.20 12.37
N LYS A 112 19.51 16.07 12.30
CA LYS A 112 20.42 17.20 12.30
C LYS A 112 21.52 16.94 11.27
N PRO A 113 22.34 17.95 10.90
CA PRO A 113 23.49 17.70 10.00
C PRO A 113 24.28 16.48 10.45
N GLY A 114 24.65 15.58 9.52
CA GLY A 114 25.36 14.35 9.83
C GLY A 114 24.45 13.11 9.93
N ASP A 115 23.19 13.32 10.35
CA ASP A 115 22.20 12.25 10.38
C ASP A 115 21.84 11.80 8.98
N GLU A 116 21.51 10.50 8.85
CA GLU A 116 21.13 9.92 7.59
C GLU A 116 19.70 9.37 7.62
N VAL A 117 19.02 9.50 6.48
CA VAL A 117 17.80 8.73 6.20
C VAL A 117 18.16 7.77 5.07
N VAL A 118 17.95 6.46 5.29
CA VAL A 118 18.29 5.46 4.29
C VAL A 118 17.01 4.90 3.65
N ILE A 119 16.89 4.98 2.32
CA ILE A 119 15.83 4.34 1.55
C ILE A 119 16.42 3.41 0.48
N THR A 120 15.64 3.04 -0.54
CA THR A 120 16.05 2.05 -1.52
C THR A 120 15.66 2.59 -2.89
N TYR A 121 16.28 2.04 -3.93
CA TYR A 121 15.99 2.47 -5.29
C TYR A 121 14.60 2.06 -5.78
N MET A 122 13.98 1.08 -5.12
CA MET A 122 12.69 0.57 -5.59
C MET A 122 11.51 1.30 -4.93
N GLU A 123 11.77 2.30 -4.09
CA GLU A 123 10.66 2.97 -3.39
C GLU A 123 9.69 3.68 -4.33
N HIS A 124 8.39 3.66 -3.93
CA HIS A 124 7.39 4.50 -4.53
C HIS A 124 7.68 5.94 -4.11
N HIS A 125 7.23 6.91 -4.91
CA HIS A 125 7.36 8.34 -4.63
C HIS A 125 6.87 8.71 -3.23
N ALA A 126 5.77 8.07 -2.81
CA ALA A 126 5.25 8.34 -1.46
C ALA A 126 6.29 8.10 -0.37
N ASN A 127 7.20 7.16 -0.63
CA ASN A 127 8.23 6.84 0.34
C ASN A 127 9.62 7.33 -0.13
N ILE A 128 9.63 8.41 -0.95
CA ILE A 128 10.85 9.10 -1.35
C ILE A 128 10.71 10.60 -1.01
N ILE A 129 9.71 11.25 -1.60
CA ILE A 129 9.65 12.71 -1.60
C ILE A 129 9.54 13.25 -0.19
N PRO A 130 8.75 12.66 0.74
CA PRO A 130 8.73 13.20 2.11
C PRO A 130 10.10 13.25 2.81
N TRP A 131 10.90 12.24 2.52
CA TRP A 131 12.25 12.18 3.08
C TRP A 131 13.20 13.16 2.40
N GLN A 132 13.08 13.33 1.08
CA GLN A 132 13.89 14.32 0.37
C GLN A 132 13.66 15.66 1.06
N GLN A 133 12.40 15.95 1.40
CA GLN A 133 12.03 17.22 1.99
C GLN A 133 12.45 17.33 3.44
N ALA A 134 12.36 16.23 4.18
CA ALA A 134 12.76 16.22 5.56
C ALA A 134 14.29 16.44 5.68
N VAL A 135 15.08 15.87 4.79
CA VAL A 135 16.53 16.00 4.92
C VAL A 135 16.96 17.43 4.54
N LYS A 136 16.37 18.00 3.49
CA LYS A 136 16.57 19.38 3.09
C LYS A 136 16.22 20.35 4.22
N ALA A 137 15.10 20.12 4.92
CA ALA A 137 14.75 20.99 6.01
C ALA A 137 15.74 20.90 7.17
N THR A 138 16.36 19.75 7.40
CA THR A 138 17.18 19.57 8.59
C THR A 138 18.69 19.61 8.28
N GLY A 139 19.06 19.60 6.99
CA GLY A 139 20.47 19.50 6.58
C GLY A 139 21.05 18.11 6.77
N ALA A 140 20.20 17.08 6.86
CA ALA A 140 20.64 15.70 6.96
C ALA A 140 20.98 15.17 5.57
N THR A 141 21.35 13.89 5.49
CA THR A 141 21.73 13.26 4.24
C THR A 141 20.75 12.13 3.88
N LEU A 142 20.35 12.05 2.61
CA LEU A 142 19.58 10.92 2.12
C LEU A 142 20.52 9.93 1.47
N LYS A 143 20.43 8.64 1.85
CA LYS A 143 21.16 7.57 1.16
C LYS A 143 20.25 6.46 0.63
N TYR A 144 20.71 5.78 -0.42
CA TYR A 144 20.00 4.70 -1.07
C TYR A 144 20.72 3.36 -0.87
N ILE A 145 19.99 2.33 -0.42
CA ILE A 145 20.46 0.95 -0.46
C ILE A 145 20.43 0.48 -1.90
N PRO A 146 21.55 -0.10 -2.42
CA PRO A 146 21.56 -0.66 -3.78
C PRO A 146 20.76 -1.93 -3.89
N LEU A 147 20.34 -2.24 -5.12
CA LEU A 147 19.60 -3.45 -5.41
C LEU A 147 20.55 -4.45 -6.09
N GLN A 148 20.25 -5.73 -5.89
CA GLN A 148 20.87 -6.81 -6.64
C GLN A 148 20.29 -6.87 -8.04
N GLU A 149 20.91 -7.71 -8.91
CA GLU A 149 20.55 -7.66 -10.32
C GLU A 149 19.11 -8.14 -10.54
N ASP A 150 18.56 -9.01 -9.69
CA ASP A 150 17.18 -9.45 -9.88
C ASP A 150 16.17 -8.52 -9.15
N GLY A 151 16.61 -7.36 -8.67
CA GLY A 151 15.71 -6.41 -8.00
C GLY A 151 15.33 -6.75 -6.55
N THR A 152 16.18 -7.52 -5.86
CA THR A 152 16.05 -7.76 -4.43
C THR A 152 17.10 -7.00 -3.65
N ILE A 153 16.98 -7.00 -2.34
CA ILE A 153 17.90 -6.27 -1.49
C ILE A 153 18.65 -7.32 -0.69
N SER A 154 19.99 -7.24 -0.69
CA SER A 154 20.72 -8.15 0.19
C SER A 154 20.94 -7.49 1.54
N LEU A 155 20.85 -8.29 2.61
CA LEU A 155 21.07 -7.77 3.94
C LEU A 155 22.51 -7.26 4.12
N GLU A 156 23.45 -7.79 3.32
CA GLU A 156 24.81 -7.27 3.39
C GLU A 156 24.85 -5.82 2.92
N ASP A 157 24.07 -5.47 1.88
CA ASP A 157 24.05 -4.10 1.38
C ASP A 157 23.35 -3.16 2.37
N VAL A 158 22.36 -3.70 3.09
CA VAL A 158 21.67 -2.93 4.11
C VAL A 158 22.69 -2.57 5.20
N ARG A 159 23.40 -3.59 5.67
CA ARG A 159 24.37 -3.41 6.75
C ARG A 159 25.45 -2.40 6.37
N GLU A 160 25.84 -2.43 5.09
CA GLU A 160 26.80 -1.49 4.54
C GLU A 160 26.27 -0.06 4.50
N THR A 161 25.02 0.15 4.03
CA THR A 161 24.45 1.49 3.86
C THR A 161 24.05 2.11 5.20
N VAL A 162 23.55 1.31 6.15
CA VAL A 162 23.08 1.83 7.41
C VAL A 162 24.30 1.96 8.33
N THR A 163 24.42 3.09 9.04
CA THR A 163 25.58 3.35 9.90
C THR A 163 25.09 3.79 11.27
N SER A 164 26.02 4.14 12.18
CA SER A 164 25.62 4.73 13.45
C SER A 164 25.18 6.17 13.26
N ASN A 165 25.30 6.75 12.06
CA ASN A 165 24.69 8.05 11.81
C ASN A 165 23.25 7.91 11.22
N THR A 166 22.77 6.68 10.96
CA THR A 166 21.42 6.52 10.40
C THR A 166 20.38 6.70 11.50
N LYS A 167 19.36 7.53 11.25
CA LYS A 167 18.31 7.75 12.23
C LYS A 167 17.00 7.09 11.76
N ILE A 168 16.85 6.94 10.45
CA ILE A 168 15.64 6.39 9.84
C ILE A 168 16.00 5.55 8.62
N VAL A 169 15.48 4.29 8.58
CA VAL A 169 15.45 3.46 7.39
C VAL A 169 13.99 3.42 6.94
N ALA A 170 13.70 3.77 5.68
CA ALA A 170 12.32 3.68 5.15
C ALA A 170 12.34 2.80 3.92
N VAL A 171 11.45 1.81 3.87
CA VAL A 171 11.52 0.80 2.83
C VAL A 171 10.14 0.19 2.60
N SER A 172 9.87 -0.24 1.39
CA SER A 172 8.62 -0.94 1.09
C SER A 172 8.65 -2.37 1.60
N HIS A 173 7.48 -2.81 2.06
CA HIS A 173 7.29 -4.20 2.37
C HIS A 173 7.33 -5.01 1.08
N VAL A 174 6.48 -4.59 0.14
CA VAL A 174 6.40 -5.17 -1.19
C VAL A 174 6.46 -4.07 -2.24
N SER A 175 7.27 -4.30 -3.26
CA SER A 175 7.37 -3.37 -4.39
C SER A 175 6.16 -3.49 -5.33
N ASN A 176 5.58 -2.35 -5.71
CA ASN A 176 4.45 -2.25 -6.59
C ASN A 176 4.88 -2.41 -8.04
N VAL A 177 6.20 -2.54 -8.29
CA VAL A 177 6.69 -2.74 -9.64
C VAL A 177 7.40 -4.09 -9.81
N LEU A 178 8.34 -4.41 -8.90
CA LEU A 178 9.18 -5.62 -9.04
C LEU A 178 8.46 -6.84 -8.47
N GLY A 179 7.51 -6.60 -7.56
CA GLY A 179 6.86 -7.67 -6.82
C GLY A 179 7.73 -8.25 -5.72
N THR A 180 8.92 -7.69 -5.50
CA THR A 180 9.81 -8.12 -4.44
C THR A 180 9.17 -7.96 -3.08
N VAL A 181 9.35 -8.99 -2.24
CA VAL A 181 8.95 -8.97 -0.85
C VAL A 181 10.21 -8.72 -0.05
N ASN A 182 10.36 -7.55 0.52
CA ASN A 182 11.60 -7.21 1.20
C ASN A 182 11.69 -7.83 2.58
N PRO A 183 12.93 -8.13 3.06
CA PRO A 183 13.10 -8.79 4.36
C PRO A 183 13.02 -7.84 5.54
N ILE A 184 11.81 -7.31 5.74
CA ILE A 184 11.58 -6.21 6.67
C ILE A 184 12.00 -6.53 8.11
N LYS A 185 11.66 -7.73 8.57
CA LYS A 185 11.96 -8.12 9.95
C LYS A 185 13.48 -8.06 10.19
N GLU A 186 14.28 -8.53 9.23
CA GLU A 186 15.74 -8.53 9.36
C GLU A 186 16.27 -7.11 9.17
N MET A 187 15.61 -6.29 8.32
CA MET A 187 16.04 -4.89 8.18
C MET A 187 15.77 -4.10 9.45
N ALA A 188 14.69 -4.45 10.16
CA ALA A 188 14.37 -3.77 11.38
C ALA A 188 15.48 -4.02 12.41
N LYS A 189 15.98 -5.25 12.48
CA LYS A 189 17.04 -5.56 13.45
C LYS A 189 18.31 -4.76 13.11
N ILE A 190 18.65 -4.64 11.81
CA ILE A 190 19.81 -3.87 11.40
C ILE A 190 19.63 -2.39 11.73
N ALA A 191 18.43 -1.84 11.48
CA ALA A 191 18.20 -0.46 11.85
C ALA A 191 18.37 -0.25 13.34
N HIS A 192 17.74 -1.15 14.14
CA HIS A 192 17.74 -0.98 15.59
C HIS A 192 19.18 -1.08 16.14
N ASP A 193 19.93 -2.02 15.58
CA ASP A 193 21.33 -2.23 15.99
C ASP A 193 22.15 -0.98 15.75
N ASN A 194 21.74 -0.13 14.80
CA ASN A 194 22.45 1.09 14.48
C ASN A 194 21.88 2.30 15.16
N GLY A 195 20.82 2.12 15.95
CA GLY A 195 20.17 3.21 16.65
C GLY A 195 19.09 3.92 15.81
N ALA A 196 18.67 3.30 14.72
CA ALA A 196 17.69 3.90 13.83
C ALA A 196 16.30 3.33 14.10
N VAL A 197 15.25 4.07 13.67
CA VAL A 197 13.91 3.49 13.52
C VAL A 197 13.68 3.01 12.09
N ILE A 198 12.71 2.09 11.90
CA ILE A 198 12.38 1.66 10.56
C ILE A 198 10.91 2.05 10.26
N VAL A 199 10.71 2.57 9.05
CA VAL A 199 9.41 3.03 8.58
C VAL A 199 9.06 2.11 7.41
N VAL A 200 7.94 1.39 7.49
CA VAL A 200 7.59 0.45 6.45
C VAL A 200 6.37 0.94 5.65
N ASP A 201 6.56 1.00 4.34
CA ASP A 201 5.51 1.29 3.36
C ASP A 201 4.82 -0.03 3.05
N GLY A 202 3.67 -0.22 3.68
CA GLY A 202 2.93 -1.45 3.53
C GLY A 202 1.76 -1.34 2.56
N ALA A 203 1.75 -0.38 1.63
CA ALA A 203 0.56 -0.21 0.78
C ALA A 203 0.29 -1.43 -0.07
N GLN A 204 1.35 -2.10 -0.57
CA GLN A 204 1.21 -3.25 -1.46
C GLN A 204 1.22 -4.59 -0.72
N SER A 205 1.68 -4.64 0.55
CA SER A 205 1.68 -5.89 1.30
C SER A 205 0.34 -6.17 1.99
N THR A 206 -0.16 -5.19 2.72
CA THR A 206 -1.32 -5.36 3.59
C THR A 206 -2.51 -5.99 2.87
N PRO A 207 -2.84 -5.66 1.59
CA PRO A 207 -4.01 -6.29 0.96
C PRO A 207 -3.88 -7.79 0.73
N HIS A 208 -2.64 -8.24 0.66
CA HIS A 208 -2.30 -9.47 -0.03
C HIS A 208 -1.68 -10.55 0.89
N MET A 209 -1.25 -10.20 2.11
CA MET A 209 -0.62 -11.13 3.02
C MET A 209 -0.81 -10.62 4.42
N LYS A 210 -0.76 -11.55 5.39
CA LYS A 210 -0.87 -11.22 6.80
C LYS A 210 0.23 -10.25 7.22
N ILE A 211 -0.14 -9.26 8.03
CA ILE A 211 0.80 -8.33 8.63
C ILE A 211 0.82 -8.54 10.14
N ASP A 212 2.01 -8.69 10.76
CA ASP A 212 2.09 -8.74 12.22
C ASP A 212 3.16 -7.76 12.66
N VAL A 213 2.74 -6.59 13.13
CA VAL A 213 3.68 -5.52 13.39
C VAL A 213 4.58 -5.88 14.59
N GLN A 214 4.13 -6.77 15.47
CA GLN A 214 4.95 -7.13 16.65
C GLN A 214 6.07 -8.04 16.15
N ASP A 215 5.73 -8.98 15.27
CA ASP A 215 6.73 -9.87 14.71
C ASP A 215 7.72 -9.12 13.80
N LEU A 216 7.24 -8.20 12.95
CA LEU A 216 8.11 -7.43 12.07
C LEU A 216 9.02 -6.50 12.90
N ASP A 217 8.51 -6.08 14.06
CA ASP A 217 9.10 -5.07 14.92
C ASP A 217 9.33 -3.76 14.16
N CYS A 218 8.44 -3.38 13.20
CA CYS A 218 8.55 -2.09 12.53
C CYS A 218 8.17 -0.98 13.51
N ASP A 219 8.78 0.20 13.36
CA ASP A 219 8.50 1.33 14.22
C ASP A 219 7.29 2.08 13.72
N PHE A 220 7.16 2.13 12.38
CA PHE A 220 5.99 2.72 11.76
C PHE A 220 5.62 1.84 10.57
N PHE A 221 4.31 1.85 10.24
CA PHE A 221 3.78 1.06 9.12
C PHE A 221 2.58 1.80 8.54
N ALA A 222 2.56 1.95 7.22
CA ALA A 222 1.56 2.71 6.52
C ALA A 222 0.82 1.83 5.49
N LEU A 223 -0.53 2.02 5.40
CA LEU A 223 -1.34 1.26 4.46
C LEU A 223 -2.50 2.11 3.96
N SER A 224 -3.09 1.64 2.84
CA SER A 224 -4.21 2.26 2.17
C SER A 224 -5.40 1.29 2.08
N SER A 225 -6.58 1.80 2.44
CA SER A 225 -7.86 1.12 2.25
C SER A 225 -8.14 0.75 0.80
N HIS A 226 -7.87 1.68 -0.14
CA HIS A 226 -8.38 1.51 -1.48
C HIS A 226 -7.72 0.34 -2.19
N LYS A 227 -6.56 -0.10 -1.68
CA LYS A 227 -5.85 -1.26 -2.26
C LYS A 227 -6.29 -2.61 -1.69
N MET A 228 -7.10 -2.59 -0.61
CA MET A 228 -7.46 -3.82 0.14
C MET A 228 -8.98 -3.95 0.27
N CYS A 229 -9.71 -3.71 -0.82
CA CYS A 229 -11.15 -3.91 -0.94
C CYS A 229 -11.93 -2.86 -0.18
N GLY A 230 -11.26 -1.81 0.31
CA GLY A 230 -11.91 -0.83 1.14
C GLY A 230 -12.18 0.49 0.42
N PRO A 231 -12.93 1.42 1.04
CA PRO A 231 -13.25 2.71 0.39
C PRO A 231 -11.99 3.52 0.08
N THR A 232 -12.14 4.44 -0.90
CA THR A 232 -11.12 5.42 -1.16
C THR A 232 -11.03 6.44 -0.04
N GLY A 233 -9.88 7.12 0.03
CA GLY A 233 -9.75 8.29 0.93
C GLY A 233 -9.44 7.90 2.36
N VAL A 234 -9.01 6.64 2.62
CA VAL A 234 -8.71 6.28 3.99
C VAL A 234 -7.49 5.36 4.03
N GLY A 235 -6.76 5.53 5.10
CA GLY A 235 -5.60 4.72 5.35
C GLY A 235 -5.30 4.64 6.85
N VAL A 236 -4.16 4.02 7.14
CA VAL A 236 -3.74 3.87 8.53
C VAL A 236 -2.28 4.25 8.64
N LEU A 237 -1.95 4.91 9.76
CA LEU A 237 -0.58 5.00 10.23
C LEU A 237 -0.53 4.24 11.54
N TYR A 238 0.26 3.16 11.56
CA TYR A 238 0.65 2.51 12.79
C TYR A 238 2.00 3.07 13.22
N GLY A 239 2.12 3.36 14.52
CA GLY A 239 3.41 3.69 15.11
C GLY A 239 3.51 3.09 16.51
N LYS A 240 4.72 2.76 16.92
CA LYS A 240 4.90 2.26 18.28
C LYS A 240 4.46 3.36 19.21
N LYS A 241 3.71 2.99 20.25
CA LYS A 241 3.13 4.00 21.13
C LYS A 241 4.20 4.93 21.70
N ALA A 242 5.38 4.39 22.11
CA ALA A 242 6.31 5.29 22.80
C ALA A 242 6.82 6.35 21.81
N LEU A 243 6.89 6.02 20.50
CA LEU A 243 7.29 7.01 19.51
C LEU A 243 6.21 8.06 19.28
N LEU A 244 4.96 7.60 19.09
CA LEU A 244 3.84 8.50 18.90
C LEU A 244 3.67 9.46 20.08
N GLU A 245 3.90 8.97 21.28
CA GLU A 245 3.72 9.81 22.46
C GLU A 245 4.58 11.07 22.37
N ASN A 246 5.79 10.93 21.85
CA ASN A 246 6.80 11.98 21.89
C ASN A 246 6.74 12.82 20.63
N MET A 247 5.95 12.38 19.64
CA MET A 247 5.77 13.15 18.42
C MET A 247 4.70 14.22 18.59
N GLU A 248 4.93 15.39 17.98
CA GLU A 248 3.92 16.42 17.95
C GLU A 248 2.93 16.11 16.81
N PRO A 249 1.69 16.60 16.90
CA PRO A 249 0.71 16.49 15.82
C PRO A 249 1.17 17.08 14.49
N ALA A 250 0.69 16.50 13.37
CA ALA A 250 1.01 17.05 12.07
C ALA A 250 -0.01 18.11 11.65
N GLU A 251 -1.23 18.07 12.22
CA GLU A 251 -2.33 18.95 11.89
C GLU A 251 -3.02 19.30 13.20
N PHE A 252 -3.70 20.44 13.23
CA PHE A 252 -4.25 20.96 14.46
C PHE A 252 -5.70 21.37 14.25
N GLY A 253 -6.51 21.19 15.28
CA GLY A 253 -7.89 21.64 15.21
C GLY A 253 -8.73 21.01 16.30
N GLY A 254 -10.04 20.98 16.06
CA GLY A 254 -10.97 20.25 16.89
C GLY A 254 -10.65 18.76 16.92
N GLU A 255 -11.13 18.13 18.02
CA GLU A 255 -11.07 16.68 18.24
C GLU A 255 -9.70 16.23 18.73
N MET A 256 -8.61 16.91 18.35
CA MET A 256 -7.29 16.48 18.77
C MET A 256 -6.80 17.31 19.98
N ILE A 257 -7.62 18.24 20.44
CA ILE A 257 -7.28 19.08 21.59
C ILE A 257 -7.96 18.58 22.87
N ASP A 258 -7.38 18.97 23.99
CA ASP A 258 -7.96 18.84 25.32
C ASP A 258 -8.38 20.25 25.77
N PHE A 259 -7.40 21.15 25.98
CA PHE A 259 -7.74 22.51 26.39
C PHE A 259 -7.25 23.50 25.32
N VAL A 260 -8.08 24.48 25.00
CA VAL A 260 -7.71 25.54 24.08
C VAL A 260 -7.81 26.91 24.78
N GLY A 261 -6.66 27.58 24.91
CA GLY A 261 -6.63 28.97 25.34
C GLY A 261 -6.45 29.90 24.14
N LEU A 262 -6.30 31.21 24.41
CA LEU A 262 -6.16 32.16 23.32
C LEU A 262 -4.92 31.85 22.48
N TYR A 263 -3.82 31.46 23.14
CA TYR A 263 -2.51 31.40 22.49
C TYR A 263 -1.93 30.00 22.56
N GLU A 264 -2.32 29.20 23.54
CA GLU A 264 -1.73 27.88 23.76
C GLU A 264 -2.86 26.84 23.88
N SER A 265 -2.54 25.58 23.50
CA SER A 265 -3.45 24.46 23.64
C SER A 265 -2.71 23.21 24.14
N THR A 266 -3.46 22.23 24.69
CA THR A 266 -2.93 20.93 25.00
C THR A 266 -3.67 19.89 24.12
N TRP A 267 -3.03 18.76 23.92
CA TRP A 267 -3.51 17.74 22.98
C TRP A 267 -4.22 16.63 23.75
N LYS A 268 -5.18 15.97 23.11
CA LYS A 268 -5.71 14.68 23.56
C LYS A 268 -4.65 13.58 23.55
N GLU A 269 -4.98 12.51 24.28
CA GLU A 269 -4.15 11.32 24.28
C GLU A 269 -4.20 10.67 22.88
N LEU A 270 -3.34 9.68 22.68
CA LEU A 270 -3.42 8.85 21.48
C LEU A 270 -4.64 7.96 21.48
N PRO A 271 -5.19 7.62 20.29
CA PRO A 271 -4.67 8.08 18.99
C PRO A 271 -5.17 9.44 18.49
N TRP A 272 -6.14 10.02 19.20
CA TRP A 272 -6.89 11.19 18.76
C TRP A 272 -6.00 12.43 18.59
N LYS A 273 -4.87 12.47 19.28
CA LYS A 273 -3.88 13.53 19.10
C LYS A 273 -3.57 13.75 17.63
N PHE A 274 -3.54 12.66 16.84
CA PHE A 274 -3.22 12.74 15.43
C PHE A 274 -4.44 12.74 14.50
N GLU A 275 -5.67 12.93 15.01
CA GLU A 275 -6.86 12.96 14.17
C GLU A 275 -7.58 14.30 14.37
N ALA A 276 -7.26 15.25 13.53
CA ALA A 276 -7.83 16.58 13.62
C ALA A 276 -9.09 16.70 12.76
N GLY A 277 -10.13 17.30 13.33
CA GLY A 277 -11.38 17.61 12.65
C GLY A 277 -12.33 16.41 12.61
N THR A 278 -13.45 16.58 11.95
CA THR A 278 -14.41 15.50 11.79
C THR A 278 -13.72 14.38 11.02
N PRO A 279 -13.70 13.16 11.57
CA PRO A 279 -12.95 12.09 10.91
C PRO A 279 -13.60 11.51 9.66
N ILE A 280 -12.88 10.50 9.10
CA ILE A 280 -13.34 9.87 7.87
C ILE A 280 -14.31 8.74 8.26
N ILE A 281 -15.50 9.11 8.72
CA ILE A 281 -16.30 8.17 9.51
C ILE A 281 -16.72 6.96 8.64
N ALA A 282 -17.38 7.26 7.53
CA ALA A 282 -17.91 6.19 6.70
C ALA A 282 -16.78 5.33 6.17
N GLY A 283 -15.72 5.99 5.65
CA GLY A 283 -14.60 5.28 5.05
C GLY A 283 -13.96 4.31 6.05
N ALA A 284 -13.68 4.79 7.29
CA ALA A 284 -13.09 3.94 8.30
C ALA A 284 -13.96 2.72 8.62
N ILE A 285 -15.28 2.94 8.72
CA ILE A 285 -16.20 1.85 8.97
C ILE A 285 -16.17 0.85 7.82
N GLY A 286 -16.13 1.37 6.58
CA GLY A 286 -16.03 0.48 5.43
C GLY A 286 -14.70 -0.26 5.35
N LEU A 287 -13.59 0.38 5.77
CA LEU A 287 -12.34 -0.31 5.88
C LEU A 287 -12.45 -1.46 6.90
N GLY A 288 -13.12 -1.21 8.03
CA GLY A 288 -13.34 -2.33 8.96
C GLY A 288 -14.10 -3.50 8.33
N ALA A 289 -15.11 -3.19 7.51
CA ALA A 289 -15.83 -4.21 6.78
C ALA A 289 -14.95 -4.93 5.73
N ALA A 290 -14.02 -4.23 5.08
CA ALA A 290 -13.06 -4.85 4.17
C ALA A 290 -12.19 -5.87 4.91
N ILE A 291 -11.75 -5.49 6.11
CA ILE A 291 -10.97 -6.37 6.93
C ILE A 291 -11.79 -7.60 7.30
N ASP A 292 -13.02 -7.38 7.76
CA ASP A 292 -13.87 -8.52 8.08
C ASP A 292 -13.99 -9.50 6.92
N PHE A 293 -14.19 -8.96 5.74
CA PHE A 293 -14.34 -9.73 4.53
C PHE A 293 -13.08 -10.53 4.18
N LEU A 294 -11.94 -9.85 4.25
CA LEU A 294 -10.65 -10.46 3.97
C LEU A 294 -10.29 -11.54 5.00
N GLU A 295 -10.59 -11.28 6.27
CA GLU A 295 -10.38 -12.24 7.35
C GLU A 295 -11.23 -13.49 7.20
N GLU A 296 -12.45 -13.35 6.69
CA GLU A 296 -13.36 -14.47 6.52
C GLU A 296 -12.84 -15.38 5.43
N ILE A 297 -12.32 -14.81 4.36
CA ILE A 297 -11.69 -15.59 3.31
C ILE A 297 -10.39 -16.20 3.81
N GLY A 298 -9.59 -15.40 4.50
CA GLY A 298 -8.28 -15.77 5.02
C GLY A 298 -7.15 -15.17 4.19
N LEU A 299 -6.27 -14.36 4.82
CA LEU A 299 -5.15 -13.74 4.12
C LEU A 299 -4.18 -14.82 3.62
N ASP A 300 -4.03 -15.89 4.39
CA ASP A 300 -3.11 -16.93 3.92
C ASP A 300 -3.64 -17.57 2.64
N GLU A 301 -4.97 -17.79 2.59
CA GLU A 301 -5.61 -18.32 1.42
C GLU A 301 -5.42 -17.39 0.21
N ILE A 302 -5.59 -16.08 0.45
CA ILE A 302 -5.42 -15.09 -0.60
C ILE A 302 -3.99 -15.09 -1.11
N SER A 303 -3.04 -15.15 -0.17
CA SER A 303 -1.61 -15.18 -0.51
C SER A 303 -1.27 -16.43 -1.32
N ARG A 304 -1.86 -17.57 -0.96
CA ARG A 304 -1.61 -18.81 -1.71
C ARG A 304 -2.16 -18.72 -3.13
N HIS A 305 -3.37 -18.14 -3.29
CA HIS A 305 -3.98 -17.94 -4.60
C HIS A 305 -3.06 -17.10 -5.49
N GLU A 306 -2.55 -15.99 -4.95
CA GLU A 306 -1.69 -15.08 -5.66
C GLU A 306 -0.32 -15.70 -5.98
N HIS A 307 0.20 -16.55 -5.08
CA HIS A 307 1.44 -17.29 -5.38
C HIS A 307 1.24 -18.14 -6.64
N LYS A 308 0.10 -18.85 -6.70
CA LYS A 308 -0.27 -19.63 -7.87
C LYS A 308 -0.40 -18.77 -9.12
N LEU A 309 -1.16 -17.67 -9.08
CA LEU A 309 -1.28 -16.76 -10.19
C LEU A 309 0.09 -16.24 -10.64
N ALA A 310 0.92 -15.83 -9.67
CA ALA A 310 2.21 -15.26 -10.03
C ALA A 310 3.09 -16.29 -10.74
N ALA A 311 3.15 -17.50 -10.18
CA ALA A 311 3.96 -18.56 -10.78
C ALA A 311 3.47 -18.88 -12.19
N TYR A 312 2.15 -18.90 -12.37
CA TYR A 312 1.56 -19.17 -13.67
C TYR A 312 1.85 -18.05 -14.68
N ALA A 313 1.72 -16.81 -14.23
CA ALA A 313 2.01 -15.69 -15.09
C ALA A 313 3.48 -15.71 -15.52
N LEU A 314 4.41 -15.90 -14.59
CA LEU A 314 5.82 -15.84 -14.95
C LEU A 314 6.12 -16.92 -15.99
N GLU A 315 5.58 -18.12 -15.75
CA GLU A 315 5.78 -19.21 -16.72
C GLU A 315 5.23 -18.82 -18.09
N ARG A 316 3.98 -18.31 -18.13
CA ARG A 316 3.39 -17.96 -19.41
C ARG A 316 4.09 -16.78 -20.11
N PHE A 317 4.58 -15.79 -19.36
CA PHE A 317 5.39 -14.72 -19.94
C PHE A 317 6.68 -15.28 -20.54
N ARG A 318 7.32 -16.30 -19.93
CA ARG A 318 8.52 -16.89 -20.48
C ARG A 318 8.22 -17.61 -21.79
N GLN A 319 6.95 -17.86 -22.09
CA GLN A 319 6.58 -18.51 -23.33
C GLN A 319 6.56 -17.50 -24.50
N LEU A 320 6.61 -16.20 -24.19
CA LEU A 320 6.54 -15.15 -25.22
C LEU A 320 7.94 -14.69 -25.60
N ASP A 321 8.23 -14.69 -26.90
CA ASP A 321 9.41 -14.03 -27.42
C ASP A 321 9.23 -12.52 -27.38
N GLY A 322 10.33 -11.80 -27.20
CA GLY A 322 10.33 -10.35 -27.38
C GLY A 322 9.62 -9.64 -26.20
N VAL A 323 9.62 -10.27 -25.04
CA VAL A 323 9.03 -9.64 -23.84
C VAL A 323 10.01 -9.75 -22.69
N THR A 324 10.21 -8.66 -21.92
CA THR A 324 11.09 -8.64 -20.76
C THR A 324 10.21 -8.48 -19.51
N VAL A 325 10.43 -9.31 -18.50
CA VAL A 325 9.82 -9.14 -17.17
C VAL A 325 10.87 -8.65 -16.20
N TYR A 326 10.53 -7.66 -15.33
CA TYR A 326 11.47 -7.13 -14.36
C TYR A 326 11.22 -7.72 -12.97
N GLY A 327 12.33 -8.00 -12.28
CA GLY A 327 12.33 -8.40 -10.88
C GLY A 327 12.47 -9.90 -10.68
N PRO A 328 12.29 -10.38 -9.45
CA PRO A 328 12.65 -11.76 -9.11
C PRO A 328 11.58 -12.80 -9.35
N GLU A 329 11.99 -14.07 -9.22
CA GLU A 329 11.11 -15.21 -9.40
C GLU A 329 10.14 -15.29 -8.22
N GLU A 330 10.65 -15.19 -7.00
CA GLU A 330 9.78 -15.23 -5.82
C GLU A 330 9.17 -13.84 -5.64
N ARG A 331 7.84 -13.74 -5.66
CA ARG A 331 7.25 -12.42 -5.73
C ARG A 331 5.78 -12.43 -5.30
N ALA A 332 5.28 -11.22 -5.13
CA ALA A 332 3.85 -10.92 -4.99
C ALA A 332 3.13 -11.09 -6.32
N GLY A 333 1.81 -10.77 -6.32
CA GLY A 333 0.97 -11.10 -7.45
C GLY A 333 0.89 -9.95 -8.47
N LEU A 334 1.98 -9.72 -9.22
CA LEU A 334 2.07 -8.70 -10.26
C LEU A 334 3.25 -9.00 -11.18
N VAL A 335 3.13 -8.55 -12.43
CA VAL A 335 4.21 -8.68 -13.41
C VAL A 335 4.31 -7.35 -14.12
N THR A 336 5.50 -6.71 -14.01
CA THR A 336 5.83 -5.53 -14.81
C THR A 336 6.78 -5.97 -15.94
N PHE A 337 6.51 -5.47 -17.14
CA PHE A 337 7.11 -5.98 -18.36
C PHE A 337 7.16 -4.92 -19.45
N ASN A 338 7.88 -5.24 -20.54
CA ASN A 338 7.84 -4.47 -21.76
C ASN A 338 7.88 -5.45 -22.91
N LEU A 339 7.17 -5.10 -23.99
CA LEU A 339 7.33 -5.72 -25.29
C LEU A 339 8.47 -5.05 -26.04
N ASP A 340 9.38 -5.88 -26.56
CA ASP A 340 10.55 -5.39 -27.28
C ASP A 340 10.20 -4.26 -28.22
N ASP A 341 9.22 -4.43 -29.07
CA ASP A 341 9.18 -3.36 -30.06
C ASP A 341 7.97 -2.47 -29.89
N VAL A 342 7.43 -2.33 -28.67
CA VAL A 342 6.16 -1.64 -28.54
C VAL A 342 6.21 -0.83 -27.26
N HIS A 343 5.89 0.46 -27.34
CA HIS A 343 5.84 1.32 -26.17
C HIS A 343 4.76 0.80 -25.23
N PRO A 344 4.99 0.76 -23.91
CA PRO A 344 4.00 0.19 -23.02
C PRO A 344 2.65 0.93 -23.00
N HIS A 345 2.63 2.25 -23.28
CA HIS A 345 1.37 2.97 -23.38
CA HIS A 345 1.38 2.98 -23.41
C HIS A 345 0.53 2.37 -24.51
N ASP A 346 1.16 2.00 -25.63
CA ASP A 346 0.41 1.39 -26.73
C ASP A 346 -0.02 -0.04 -26.38
N VAL A 347 0.82 -0.78 -25.64
CA VAL A 347 0.36 -2.06 -25.10
C VAL A 347 -0.94 -1.88 -24.29
N ALA A 348 -0.97 -0.92 -23.36
CA ALA A 348 -2.12 -0.73 -22.50
C ALA A 348 -3.38 -0.39 -23.31
N THR A 349 -3.23 0.47 -24.33
CA THR A 349 -4.31 0.93 -25.20
C THR A 349 -4.91 -0.25 -25.96
N VAL A 350 -4.05 -1.04 -26.59
CA VAL A 350 -4.52 -2.19 -27.34
C VAL A 350 -5.12 -3.26 -26.44
N LEU A 351 -4.57 -3.46 -25.25
CA LEU A 351 -5.16 -4.42 -24.33
C LEU A 351 -6.55 -3.95 -23.87
N ASP A 352 -6.73 -2.67 -23.63
CA ASP A 352 -8.03 -2.16 -23.22
C ASP A 352 -9.11 -2.35 -24.30
N ALA A 353 -8.75 -2.35 -25.59
CA ALA A 353 -9.70 -2.65 -26.64
C ALA A 353 -10.09 -4.13 -26.64
N GLU A 354 -9.31 -4.98 -25.96
CA GLU A 354 -9.69 -6.36 -25.74
C GLU A 354 -10.31 -6.59 -24.35
N GLY A 355 -10.66 -5.50 -23.67
CA GLY A 355 -11.33 -5.53 -22.37
C GLY A 355 -10.35 -5.64 -21.19
N ILE A 356 -9.04 -5.62 -21.46
CA ILE A 356 -8.03 -5.94 -20.44
C ILE A 356 -7.45 -4.63 -19.91
N ALA A 357 -7.55 -4.43 -18.59
CA ALA A 357 -7.08 -3.25 -17.88
C ALA A 357 -5.71 -3.50 -17.24
N VAL A 358 -4.66 -2.85 -17.78
CA VAL A 358 -3.34 -2.90 -17.18
C VAL A 358 -2.89 -1.45 -17.05
N ARG A 359 -1.76 -1.19 -16.42
CA ARG A 359 -1.28 0.18 -16.30
C ARG A 359 0.06 0.29 -17.02
N ALA A 360 0.32 1.48 -17.59
CA ALA A 360 1.57 1.76 -18.27
C ALA A 360 2.13 3.05 -17.69
N GLY A 361 3.44 3.18 -17.59
CA GLY A 361 4.06 4.41 -17.11
C GLY A 361 5.22 4.06 -16.19
N HIS A 362 5.44 4.94 -15.20
CA HIS A 362 6.53 4.78 -14.26
C HIS A 362 6.07 4.19 -12.92
N HIS A 363 4.75 4.08 -12.75
CA HIS A 363 4.20 3.51 -11.53
C HIS A 363 4.68 4.24 -10.29
N CYS A 364 4.84 5.57 -10.36
CA CYS A 364 5.30 6.36 -9.23
C CYS A 364 6.66 5.83 -8.70
N ALA A 365 7.54 5.39 -9.60
CA ALA A 365 8.86 4.93 -9.22
C ALA A 365 9.89 5.31 -10.29
N GLN A 366 10.08 6.62 -10.47
CA GLN A 366 10.94 7.10 -11.56
C GLN A 366 12.39 6.69 -11.31
N PRO A 367 12.94 6.78 -10.08
CA PRO A 367 14.29 6.27 -9.81
C PRO A 367 14.47 4.80 -10.10
N LEU A 368 13.44 3.96 -9.83
CA LEU A 368 13.51 2.55 -10.21
C LEU A 368 13.53 2.39 -11.72
N MET A 369 12.68 3.13 -12.44
CA MET A 369 12.73 3.03 -13.89
C MET A 369 14.15 3.36 -14.42
N LYS A 370 14.77 4.41 -13.88
CA LYS A 370 16.14 4.74 -14.27
C LYS A 370 17.10 3.58 -13.99
N TRP A 371 17.02 2.98 -12.80
CA TRP A 371 17.80 1.81 -12.39
C TRP A 371 17.59 0.66 -13.36
N LEU A 372 16.36 0.53 -13.89
CA LEU A 372 16.03 -0.52 -14.83
C LEU A 372 16.48 -0.15 -16.24
N ASP A 373 16.99 1.07 -16.43
CA ASP A 373 17.35 1.63 -17.72
C ASP A 373 16.14 1.64 -18.66
N VAL A 374 14.94 2.00 -18.17
CA VAL A 374 13.80 2.20 -19.06
C VAL A 374 13.14 3.52 -18.71
N THR A 375 12.27 4.01 -19.59
CA THR A 375 11.58 5.23 -19.24
C THR A 375 10.16 4.88 -18.80
N ALA A 376 9.64 3.71 -19.19
CA ALA A 376 8.30 3.28 -18.75
C ALA A 376 8.15 1.76 -18.92
N THR A 377 7.11 1.21 -18.29
CA THR A 377 6.77 -0.21 -18.29
C THR A 377 5.26 -0.40 -18.28
N ALA A 378 4.83 -1.63 -18.57
CA ALA A 378 3.44 -2.05 -18.46
C ALA A 378 3.38 -2.99 -17.25
N ARG A 379 2.25 -2.98 -16.53
CA ARG A 379 2.10 -3.84 -15.38
C ARG A 379 0.70 -4.46 -15.32
N ALA A 380 0.67 -5.78 -15.16
CA ALA A 380 -0.52 -6.54 -14.83
C ALA A 380 -0.42 -6.94 -13.36
N SER A 381 -1.43 -6.61 -12.56
CA SER A 381 -1.40 -6.88 -11.13
C SER A 381 -2.71 -7.59 -10.75
N PHE A 382 -2.62 -8.50 -9.78
CA PHE A 382 -3.66 -9.47 -9.49
C PHE A 382 -4.19 -9.29 -8.06
N TYR A 383 -5.36 -9.87 -7.81
CA TYR A 383 -5.95 -9.96 -6.48
C TYR A 383 -6.85 -11.19 -6.44
N LEU A 384 -7.65 -11.31 -5.36
CA LEU A 384 -8.34 -12.53 -4.97
C LEU A 384 -9.44 -12.93 -5.95
N TYR A 385 -9.85 -11.96 -6.82
CA TYR A 385 -10.91 -12.19 -7.78
C TYR A 385 -10.38 -12.60 -9.17
N ASN A 386 -9.08 -12.61 -9.36
CA ASN A 386 -8.50 -12.91 -10.67
C ASN A 386 -8.19 -14.40 -10.82
N THR A 387 -8.09 -14.80 -12.09
CA THR A 387 -8.02 -16.23 -12.46
C THR A 387 -6.90 -16.45 -13.48
N GLU A 388 -6.53 -17.72 -13.58
CA GLU A 388 -5.62 -18.17 -14.63
C GLU A 388 -6.16 -17.91 -16.02
N GLU A 389 -7.48 -18.06 -16.23
CA GLU A 389 -8.08 -17.78 -17.53
C GLU A 389 -7.80 -16.31 -17.93
N GLU A 390 -7.84 -15.41 -16.94
CA GLU A 390 -7.56 -14.01 -17.21
C GLU A 390 -6.10 -13.80 -17.63
N ILE A 391 -5.20 -14.55 -17.01
CA ILE A 391 -3.80 -14.46 -17.39
C ILE A 391 -3.63 -15.04 -18.83
N ASP A 392 -4.38 -16.11 -19.14
CA ASP A 392 -4.37 -16.65 -20.53
C ASP A 392 -4.75 -15.57 -21.52
N LYS A 393 -5.86 -14.85 -21.23
CA LYS A 393 -6.28 -13.74 -22.06
C LYS A 393 -5.20 -12.68 -22.22
N LEU A 394 -4.49 -12.32 -21.15
CA LEU A 394 -3.43 -11.33 -21.17
C LEU A 394 -2.32 -11.80 -22.13
N VAL A 395 -1.80 -13.02 -21.95
CA VAL A 395 -0.66 -13.48 -22.76
C VAL A 395 -1.06 -13.66 -24.21
N GLU A 396 -2.30 -14.10 -24.46
CA GLU A 396 -2.79 -14.23 -25.84
C GLU A 396 -2.84 -12.84 -26.48
N ALA A 397 -3.31 -11.84 -25.73
CA ALA A 397 -3.40 -10.47 -26.23
C ALA A 397 -2.02 -9.85 -26.48
N LEU A 398 -1.06 -10.17 -25.61
CA LEU A 398 0.30 -9.69 -25.81
C LEU A 398 0.89 -10.30 -27.09
N GLN A 399 0.58 -11.56 -27.36
CA GLN A 399 1.10 -12.20 -28.57
C GLN A 399 0.54 -11.47 -29.80
N LYS A 400 -0.77 -11.21 -29.78
CA LYS A 400 -1.46 -10.53 -30.87
C LYS A 400 -0.96 -9.10 -31.03
N THR A 401 -0.59 -8.48 -29.91
CA THR A 401 -0.05 -7.13 -29.91
C THR A 401 1.26 -7.12 -30.69
N LYS A 402 2.12 -8.08 -30.40
CA LYS A 402 3.41 -8.16 -31.07
C LYS A 402 3.21 -8.34 -32.58
N GLU A 403 2.35 -9.28 -32.95
CA GLU A 403 2.05 -9.56 -34.35
C GLU A 403 1.53 -8.30 -35.02
N TYR A 404 0.65 -7.58 -34.31
CA TYR A 404 -0.02 -6.42 -34.87
C TYR A 404 1.01 -5.33 -35.17
N PHE A 405 1.95 -5.06 -34.24
CA PHE A 405 2.90 -3.97 -34.46
C PHE A 405 4.03 -4.40 -35.41
N THR A 406 4.26 -5.70 -35.57
CA THR A 406 5.16 -6.27 -36.57
C THR A 406 4.68 -6.00 -38.00
N ASN A 407 3.41 -6.33 -38.27
CA ASN A 407 2.78 -6.08 -39.56
C ASN A 407 2.80 -4.60 -39.93
N VAL A 408 2.31 -3.73 -39.03
CA VAL A 408 2.23 -2.29 -39.25
C VAL A 408 3.57 -1.78 -39.82
C1 PEG B . -7.36 4.51 23.11
O1 PEG B . -8.38 3.60 22.73
C2 PEG B . -6.88 4.26 24.50
O2 PEG B . -6.17 3.03 24.50
C3 PEG B . -5.56 2.61 25.73
C4 PEG B . -4.85 3.76 26.36
O4 PEG B . -3.67 4.13 25.69
C1 PEG C . -12.90 -15.26 -15.45
O1 PEG C . -11.90 -16.24 -15.53
C2 PEG C . -14.17 -15.85 -14.94
O2 PEG C . -13.87 -16.65 -13.78
C3 PEG C . -15.01 -17.30 -13.22
C4 PEG C . -14.60 -18.25 -12.09
O4 PEG C . -13.48 -19.10 -12.42
C1 PEG D . -12.78 13.05 20.55
O1 PEG D . -12.59 13.49 19.19
C2 PEG D . -12.11 11.73 20.81
O2 PEG D . -12.58 11.13 22.01
C3 PEG D . -11.55 10.87 22.95
C4 PEG D . -12.08 10.72 24.34
O4 PEG D . -11.19 11.28 25.31
C1 PEG E . -16.95 -16.68 0.40
O1 PEG E . -17.39 -16.96 -0.95
C2 PEG E . -16.73 -15.19 0.66
O2 PEG E . -16.93 -14.88 2.04
C3 PEG E . -17.22 -13.49 2.27
C4 PEG E . -18.68 -13.27 2.12
O4 PEG E . -19.12 -11.92 2.40
OAN A1L4Z F . -1.67 6.34 -3.37
PAL A1L4Z F . -1.71 5.80 -1.92
OAO A1L4Z F . -1.35 7.01 -0.96
OAM A1L4Z F . -2.88 5.00 -1.48
OAK A1L4Z F . -0.42 4.70 -1.71
CAJ A1L4Z F . 0.78 5.15 -2.45
CAH A1L4Z F . 1.61 3.85 -2.50
CAG A1L4Z F . 2.74 3.73 -1.72
NAF A1L4Z F . 3.56 2.62 -1.75
CAE A1L4Z F . 3.27 1.55 -2.49
CAP A1L4Z F . 4.14 0.40 -2.52
CAD A1L4Z F . 2.16 1.68 -3.36
OAI A1L4Z F . 1.79 0.60 -4.10
CAC A1L4Z F . 1.29 2.79 -3.34
CAB A1L4Z F . 0.19 2.77 -4.29
N A1L4Z F . 0.67 2.70 -5.72
CA A1L4Z F . -0.31 2.68 -6.83
CAU A1L4Z F . 0.21 1.85 -8.08
OAW A1L4Z F . -0.32 2.05 -9.21
OAV A1L4Z F . 1.25 1.15 -7.86
C A1L4Z F . -0.64 4.11 -7.36
OXT A1L4Z F . -1.65 4.13 -8.19
O A1L4Z F . 0.31 4.98 -7.31
#